data_1HT4
#
_entry.id   1HT4
#
_cell.length_a   1.000
_cell.length_b   1.000
_cell.length_c   1.000
_cell.angle_alpha   90.00
_cell.angle_beta   90.00
_cell.angle_gamma   90.00
#
_symmetry.space_group_name_H-M   'P 1'
#
loop_
_entity.id
_entity.type
_entity.pdbx_description
1 polymer "5'-D(*CP*GP*CP*AP*TP*GP*(3DR)P*GP*TP*AP*CP*GP*C)-3'"
2 polymer "5'-D(*GP*CP*GP*TP*AP*CP*AP*(3DR)P*AP*TP*GP*CP*G)-3'"
#
loop_
_entity_poly.entity_id
_entity_poly.type
_entity_poly.pdbx_seq_one_letter_code
_entity_poly.pdbx_strand_id
1 'polydeoxyribonucleotide' (DC)(DG)(DC)(DA)(DT)(DG)(3DR)(DG)(DT)(DA)(DC)(DG)(DC) A
2 'polydeoxyribonucleotide' (DG)(DC)(DG)(DT)(DA)(DC)(DA)(3DR)(DA)(DT)(DG)(DC)(DG) B
#
loop_
_chem_comp.id
_chem_comp.type
_chem_comp.name
_chem_comp.formula
3DR DNA linking 1',2'-DIDEOXYRIBOFURANOSE-5'-PHOSPHATE 'C5 H11 O6 P'
DA DNA linking 2'-DEOXYADENOSINE-5'-MONOPHOSPHATE 'C10 H14 N5 O6 P'
DC DNA linking 2'-DEOXYCYTIDINE-5'-MONOPHOSPHATE 'C9 H14 N3 O7 P'
DG DNA linking 2'-DEOXYGUANOSINE-5'-MONOPHOSPHATE 'C10 H14 N5 O7 P'
DT DNA linking THYMIDINE-5'-MONOPHOSPHATE 'C10 H15 N2 O8 P'
#
# COMPACT_ATOMS: atom_id res chain seq x y z
O5' 3DR A 7 -2.89 -7.96 0.88
P 3DR A 7 -4.37 -8.05 1.51
OP1 3DR A 7 -4.93 -9.38 1.19
OP2 3DR A 7 -4.30 -7.62 2.93
C2' 3DR A 7 -0.83 -9.00 -0.91
C5' 3DR A 7 -1.85 -7.06 1.30
C4' 3DR A 7 -0.45 -7.53 0.86
O4' 3DR A 7 -0.20 -8.87 1.35
C1' 3DR A 7 -0.13 -9.76 0.21
C3' 3DR A 7 -0.27 -7.62 -0.66
O3' 3DR A 7 1.13 -7.53 -1.01
H2' 3DR A 7 -1.90 -9.00 -0.71
H2'' 3DR A 7 -0.61 -9.42 -1.90
H5' 3DR A 7 -1.86 -7.00 2.39
H5'' 3DR A 7 -2.04 -6.07 0.90
H4'1 3DR A 7 0.29 -6.86 1.28
H1'1 3DR A 7 0.91 -9.94 -0.05
H1'2 3DR A 7 -0.62 -10.70 0.43
H3' 3DR A 7 -0.81 -6.83 -1.18
O5' 3DR B 8 -0.84 6.48 -0.14
P 3DR B 8 -2.22 7.30 -0.16
OP1 3DR B 8 -2.28 8.13 -1.38
OP2 3DR B 8 -3.32 6.34 0.13
C2' 3DR B 8 2.80 5.12 1.29
C5' 3DR B 8 0.34 6.91 -0.85
C4' 3DR B 8 1.65 6.57 -0.12
O4' 3DR B 8 1.75 7.20 1.17
C1' 3DR B 8 2.14 6.20 2.14
C3' 3DR B 8 1.82 5.06 0.16
O3' 3DR B 8 2.28 4.24 -0.94
H2' 3DR B 8 2.94 4.17 1.80
H2'' 3DR B 8 3.76 5.47 0.89
H5' 3DR B 8 0.32 7.99 -0.98
H5'' 3DR B 8 0.35 6.44 -1.82
H4'1 3DR B 8 2.49 6.91 -0.75
H1'1 3DR B 8 2.83 6.62 2.86
H1'2 3DR B 8 1.27 5.79 2.64
H3' 3DR B 8 0.88 4.65 0.55
O5' 3DR A 7 -4.19 -7.28 2.15
P 3DR A 7 -5.60 -6.96 2.87
OP1 3DR A 7 -6.45 -8.18 2.75
OP2 3DR A 7 -5.32 -6.39 4.20
C2' 3DR A 7 -2.48 -8.79 0.25
C5' 3DR A 7 -2.97 -6.55 2.39
C4' 3DR A 7 -1.73 -7.29 1.88
O4' 3DR A 7 -1.65 -8.62 2.44
C1' 3DR A 7 -1.81 -9.57 1.37
C3' 3DR A 7 -1.69 -7.50 0.36
O3' 3DR A 7 -0.33 -7.65 -0.11
H2' 3DR A 7 -3.51 -8.60 0.53
H2'' 3DR A 7 -2.42 -9.30 -0.71
H5' 3DR A 7 -2.87 -6.40 3.46
H5'' 3DR A 7 -3.04 -5.57 1.90
H4'1 3DR A 7 -0.85 -6.74 2.18
H1'1 3DR A 7 -0.83 -9.91 1.04
H1'2 3DR A 7 -2.42 -10.42 1.68
H3' 3DR A 7 -2.15 -6.67 -0.16
O5' 3DR B 8 -0.60 9.04 -0.55
P 3DR B 8 -1.25 8.33 0.74
OP1 3DR B 8 -1.97 9.37 1.51
OP2 3DR B 8 -1.98 7.11 0.33
C2' 3DR B 8 2.39 8.19 -0.68
C5' 3DR B 8 -0.56 8.53 -1.89
C4' 3DR B 8 0.88 8.42 -2.44
O4' 3DR B 8 1.59 9.67 -2.29
C1' 3DR B 8 2.75 9.43 -1.49
C3' 3DR B 8 1.74 7.36 -1.75
O3' 3DR B 8 2.67 6.83 -2.73
H2' 3DR B 8 1.65 8.50 0.06
H2'' 3DR B 8 3.26 7.73 -0.19
H5' 3DR B 8 -1.10 9.23 -2.52
H5'' 3DR B 8 -1.05 7.56 -1.96
H4'1 3DR B 8 0.84 8.20 -3.51
H1'1 3DR B 8 3.62 9.22 -2.11
H1'2 3DR B 8 2.93 10.27 -0.83
H3' 3DR B 8 1.13 6.57 -1.34
O5' 3DR A 7 -2.79 -6.84 1.56
P 3DR A 7 -4.08 -7.45 2.34
OP1 3DR A 7 -4.32 -8.81 1.83
OP2 3DR A 7 -3.88 -7.22 3.80
C2' 3DR A 7 -1.84 -8.81 -0.65
C5' 3DR A 7 -1.43 -7.00 1.99
C4' 3DR A 7 -0.66 -8.12 1.25
O4' 3DR A 7 -1.23 -9.43 1.51
C1' 3DR A 7 -1.57 -10.01 0.24
C3' 3DR A 7 -0.64 -7.96 -0.27
O3' 3DR A 7 0.59 -8.49 -0.83
H2' 3DR A 7 -2.75 -8.33 -0.30
H2'' 3DR A 7 -1.90 -9.07 -1.70
H5' 3DR A 7 -1.40 -7.19 3.06
H5'' 3DR A 7 -0.91 -6.05 1.81
H4'1 3DR A 7 0.36 -8.12 1.61
H1'1 3DR A 7 -0.72 -10.58 -0.16
H1'2 3DR A 7 -2.45 -10.65 0.32
H3' 3DR A 7 -0.76 -6.92 -0.57
O5' 3DR B 8 0.59 7.65 -1.89
P 3DR B 8 -0.33 7.65 -0.57
OP1 3DR B 8 -0.81 9.05 -0.33
OP2 3DR B 8 -1.32 6.55 -0.64
C2' 3DR B 8 3.94 6.68 -0.66
C5' 3DR B 8 1.79 8.44 -1.88
C4' 3DR B 8 2.99 7.73 -2.52
O4' 3DR B 8 4.18 8.49 -2.19
C1' 3DR B 8 4.86 7.80 -1.12
C3' 3DR B 8 3.30 6.32 -1.98
O3' 3DR B 8 4.22 5.58 -2.81
H2' 3DR B 8 3.20 7.13 -0.01
H2'' 3DR B 8 4.46 5.86 -0.15
H5' 3DR B 8 2.06 8.69 -0.85
H5'' 3DR B 8 1.61 9.38 -2.41
H4'1 3DR B 8 2.86 7.71 -3.60
H1'1 3DR B 8 5.82 7.40 -1.46
H1'2 3DR B 8 4.99 8.48 -0.28
H3' 3DR B 8 2.37 5.76 -1.84
O5' 3DR A 7 -3.56 -7.73 0.57
P 3DR A 7 -5.09 -7.56 1.09
OP1 3DR A 7 -5.85 -8.73 0.60
OP2 3DR A 7 -5.06 -7.26 2.53
C2' 3DR A 7 -1.54 -8.73 -1.37
C5' 3DR A 7 -2.45 -6.96 1.08
C4' 3DR A 7 -1.10 -7.49 0.57
O4' 3DR A 7 -0.93 -8.89 0.88
C1' 3DR A 7 -0.83 -9.62 -0.36
C3' 3DR A 7 -0.94 -7.39 -0.96
O3' 3DR A 7 0.44 -7.26 -1.31
H2' 3DR A 7 -2.60 -8.73 -1.16
H2'' 3DR A 7 -1.33 -9.02 -2.41
H5' 3DR A 7 -2.45 -7.04 2.17
H5'' 3DR A 7 -2.55 -5.92 0.79
H4'1 3DR A 7 -0.30 -6.93 1.03
H1'1 3DR A 7 0.22 -9.74 -0.64
H1'2 3DR A 7 -1.32 -10.59 -0.28
H3' 3DR A 7 -1.49 -6.54 -1.35
O5' 3DR B 8 -1.12 8.09 -0.87
P 3DR B 8 -1.69 7.86 0.62
OP1 3DR B 8 -2.29 9.13 1.10
OP2 3DR B 8 -2.47 6.60 0.66
C2' 3DR B 8 2.53 8.09 -0.05
C5' 3DR B 8 -0.15 9.12 -1.09
C4' 3DR B 8 1.11 8.64 -1.83
O4' 3DR B 8 2.09 9.70 -1.74
C1' 3DR B 8 3.09 9.30 -0.78
C3' 3DR B 8 1.82 7.41 -1.22
O3' 3DR B 8 2.74 6.86 -2.18
H2' 3DR B 8 1.78 8.42 0.66
H2'' 3DR B 8 3.29 7.48 0.44
H5' 3DR B 8 0.17 9.54 -0.14
H5'' 3DR B 8 -0.60 9.92 -1.68
H4'1 3DR B 8 0.88 8.46 -2.87
H1'1 3DR B 8 4.02 9.02 -1.29
H1'2 3DR B 8 3.27 10.10 -0.06
H3' 3DR B 8 1.10 6.67 -0.91
O5' 3DR A 7 -2.29 -7.43 1.99
P 3DR A 7 -3.40 -6.91 3.04
OP1 3DR A 7 -4.24 -8.07 3.41
OP2 3DR A 7 -2.72 -6.13 4.11
C2' 3DR A 7 -1.38 -8.48 -0.70
C5' 3DR A 7 -0.88 -7.22 2.17
C4' 3DR A 7 -0.03 -7.97 1.13
O4' 3DR A 7 -0.31 -9.40 1.17
C1' 3DR A 7 -0.81 -9.77 -0.12
C3' 3DR A 7 -0.24 -7.55 -0.33
O3' 3DR A 7 0.94 -7.80 -1.10
H2' 3DR A 7 -2.28 -8.21 -0.14
H2'' 3DR A 7 -1.58 -8.55 -1.77
H5' 3DR A 7 -0.60 -7.57 3.16
H5'' 3DR A 7 -0.66 -6.16 2.09
H4'1 3DR A 7 1.03 -7.83 1.38
H1'1 3DR A 7 0.01 -10.13 -0.75
H1'2 3DR A 7 -1.57 -10.54 -0.03
H3' 3DR A 7 -0.51 -6.50 -0.39
O5' 3DR B 8 2.96 8.19 0.73
P 3DR B 8 3.89 9.14 1.65
OP1 3DR B 8 5.20 9.28 0.98
OP2 3DR B 8 3.14 10.35 2.03
C2' 3DR B 8 4.25 8.19 -2.02
C5' 3DR B 8 1.80 8.64 0.02
C4' 3DR B 8 2.12 8.98 -1.44
O4' 3DR B 8 3.01 10.11 -1.54
C1' 3DR B 8 4.15 9.68 -2.31
C3' 3DR B 8 2.79 7.83 -2.20
O3' 3DR B 8 2.34 7.81 -3.57
H2' 3DR B 8 4.52 8.07 -0.98
H2'' 3DR B 8 4.92 7.66 -2.69
H5' 3DR B 8 1.35 9.51 0.51
H5'' 3DR B 8 1.06 7.83 0.03
H4'1 3DR B 8 1.18 9.23 -1.96
H1'1 3DR B 8 3.98 9.83 -3.38
H1'2 3DR B 8 5.05 10.21 -1.99
H3' 3DR B 8 2.55 6.88 -1.73
O5' 3DR A 7 -2.62 -6.76 2.77
P 3DR A 7 -3.72 -7.19 3.87
OP1 3DR A 7 -4.06 -8.63 3.68
OP2 3DR A 7 -3.26 -6.72 5.19
C2' 3DR A 7 -3.22 -6.78 -0.24
C5' 3DR A 7 -1.54 -7.63 2.36
C4' 3DR A 7 -1.69 -8.13 0.90
O4' 3DR A 7 -2.90 -8.88 0.70
C1' 3DR A 7 -3.66 -8.23 -0.33
C3' 3DR A 7 -1.72 -6.98 -0.13
O3' 3DR A 7 -1.17 -7.33 -1.42
H2' 3DR A 7 -3.60 -6.38 0.70
H2'' 3DR A 7 -3.54 -6.18 -1.09
H5' 3DR A 7 -1.48 -8.49 3.01
H5'' 3DR A 7 -0.60 -7.07 2.43
H4'1 3DR A 7 -0.85 -8.78 0.69
H1'1 3DR A 7 -3.40 -8.64 -1.30
H1'2 3DR A 7 -4.73 -8.35 -0.15
H3' 3DR A 7 -1.22 -6.11 0.27
O5' 3DR B 8 2.81 9.20 0.31
P 3DR B 8 2.93 9.85 1.78
OP1 3DR B 8 4.20 10.63 1.83
OP2 3DR B 8 1.65 10.52 2.11
C2' 3DR B 8 4.05 7.84 -1.82
C5' 3DR B 8 1.60 8.63 -0.21
C4' 3DR B 8 1.77 8.19 -1.68
O4' 3DR B 8 2.31 9.28 -2.45
C1' 3DR B 8 3.67 8.95 -2.79
C3' 3DR B 8 2.77 7.03 -1.89
O3' 3DR B 8 2.61 6.41 -3.19
H2' 3DR B 8 4.19 8.24 -0.82
H2'' 3DR B 8 4.91 7.24 -2.14
H5' 3DR B 8 0.83 9.40 -0.19
H5'' 3DR B 8 1.28 7.79 0.40
H4'1 3DR B 8 0.79 7.92 -2.07
H1'1 3DR B 8 3.72 8.59 -3.81
H1'2 3DR B 8 4.32 9.82 -2.67
H3' 3DR B 8 2.68 6.28 -1.11
#